data_5CT7
#
_entry.id   5CT7
#
_cell.length_a   109.380
_cell.length_b   109.380
_cell.length_c   158.130
_cell.angle_alpha   90.000
_cell.angle_beta   90.000
_cell.angle_gamma   90.000
#
_symmetry.space_group_name_H-M   'P 41 21 2'
#
loop_
_entity.id
_entity.type
_entity.pdbx_description
1 polymer 'Serine/threonine-protein kinase B-raf'
2 non-polymer 1-methyl-5-({2-[5-(trifluoromethyl)-1H-imidazol-2-yl]pyridin-4-yl}oxy)-N-[4-(trifluoromethyl)phenyl]-1H-benzimidazol-2-amine
#
_entity_poly.entity_id   1
_entity_poly.type   'polypeptide(L)'
_entity_poly.pdbx_seq_one_letter_code
;GSDSSDDWEIPDGQITVGQRIGSGSFGTVYKGKWHGDVAVKMLNVTAPTPQQLQAFKNEVGVLRKTRHVNILLFMGYSTK
PQLAIVTQWCEGSSLYHHLHIIETKFEMIKLIDIARQTAQGMDYLHAKSIIHRDLKSNNIFLHEDLTVKIGDFGLATVKS
RWSGSHQFEQLSGSILWMAPEVIRMQDKNPYSFQSDVYAFGIVLYELMTGQLPYSNINNRDQIIFMVGRGYLSPDLSKVR
SNCPKAMKRLMAECLKKKRDERPLFPQILASIELLARSLPK
;
_entity_poly.pdbx_strand_id   A,B
#
loop_
_chem_comp.id
_chem_comp.type
_chem_comp.name
_chem_comp.formula
55J non-polymer 1-methyl-5-({2-[5-(trifluoromethyl)-1H-imidazol-2-yl]pyridin-4-yl}oxy)-N-[4-(trifluoromethyl)phenyl]-1H-benzimidazol-2-amine 'C24 H16 F6 N6 O'
#
# COMPACT_ATOMS: atom_id res chain seq x y z
N ASP A 7 5.39 -6.27 16.90
CA ASP A 7 5.59 -4.88 17.32
C ASP A 7 6.06 -3.95 16.18
N TRP A 8 5.83 -2.63 16.37
CA TRP A 8 6.14 -1.59 15.39
C TRP A 8 7.16 -0.53 15.85
N GLU A 9 7.93 -0.79 16.93
CA GLU A 9 8.94 0.18 17.32
C GLU A 9 10.20 -0.03 16.51
N ILE A 10 10.61 1.02 15.78
CA ILE A 10 11.83 1.00 14.98
C ILE A 10 13.04 1.26 15.91
N PRO A 11 13.97 0.27 16.01
CA PRO A 11 15.14 0.46 16.87
C PRO A 11 15.96 1.66 16.42
N ASP A 12 16.19 2.59 17.38
CA ASP A 12 16.94 3.84 17.20
C ASP A 12 18.26 3.63 16.42
N GLY A 13 18.54 4.57 15.52
CA GLY A 13 19.71 4.54 14.65
C GLY A 13 19.47 3.82 13.34
N GLN A 14 18.18 3.81 12.90
CA GLN A 14 17.77 3.17 11.65
C GLN A 14 17.17 4.18 10.67
N ILE A 15 16.27 5.07 11.17
CA ILE A 15 15.61 6.10 10.36
C ILE A 15 16.59 7.22 10.01
N THR A 16 16.72 7.52 8.71
CA THR A 16 17.59 8.58 8.19
C THR A 16 16.68 9.69 7.73
N VAL A 17 16.55 10.71 8.57
CA VAL A 17 15.73 11.88 8.27
C VAL A 17 16.48 12.75 7.24
N GLY A 18 15.76 13.20 6.22
CA GLY A 18 16.33 14.02 5.14
C GLY A 18 15.67 15.36 4.92
N GLN A 19 15.22 15.60 3.68
CA GLN A 19 14.59 16.86 3.26
C GLN A 19 13.35 17.19 4.09
N ARG A 20 13.30 18.41 4.67
CA ARG A 20 12.12 18.81 5.44
C ARG A 20 11.06 19.18 4.42
N ILE A 21 9.97 18.42 4.36
CA ILE A 21 9.00 18.69 3.32
C ILE A 21 7.88 19.63 3.83
N GLY A 22 7.54 19.48 5.11
CA GLY A 22 6.49 20.29 5.74
C GLY A 22 6.83 20.67 7.15
N SER A 23 6.55 21.92 7.50
CA SER A 23 6.84 22.43 8.82
C SER A 23 5.61 23.13 9.39
N GLY A 24 5.24 22.72 10.59
CA GLY A 24 4.09 23.25 11.31
C GLY A 24 4.43 23.68 12.72
N SER A 25 3.39 24.05 13.48
CA SER A 25 3.51 24.54 14.85
C SER A 25 4.14 23.51 15.82
N PHE A 26 3.67 22.24 15.78
CA PHE A 26 4.18 21.19 16.63
C PHE A 26 4.85 20.10 15.84
N GLY A 27 4.31 19.81 14.66
CA GLY A 27 4.86 18.76 13.82
C GLY A 27 5.76 19.26 12.69
N THR A 28 6.60 18.36 12.18
CA THR A 28 7.49 18.61 11.05
C THR A 28 7.60 17.30 10.31
N VAL A 29 7.16 17.29 9.05
CA VAL A 29 7.25 16.10 8.21
C VAL A 29 8.51 16.21 7.35
N TYR A 30 9.26 15.09 7.29
CA TYR A 30 10.48 14.95 6.52
C TYR A 30 10.37 13.79 5.58
N LYS A 31 11.02 13.87 4.41
CA LYS A 31 11.18 12.71 3.55
C LYS A 31 12.37 11.98 4.22
N GLY A 32 12.28 10.67 4.33
CA GLY A 32 13.32 9.89 4.96
C GLY A 32 13.68 8.58 4.30
N LYS A 33 14.52 7.82 5.00
CA LYS A 33 14.99 6.54 4.54
C LYS A 33 14.93 5.53 5.67
N TRP A 34 14.12 4.49 5.47
CA TRP A 34 13.93 3.34 6.35
C TRP A 34 13.30 2.22 5.52
N HIS A 35 14.13 1.38 4.94
CA HIS A 35 13.76 0.31 4.01
C HIS A 35 13.11 0.97 2.80
N GLY A 36 13.83 1.95 2.25
CA GLY A 36 13.41 2.77 1.12
C GLY A 36 12.90 4.14 1.54
N ASP A 37 12.35 4.89 0.59
CA ASP A 37 11.81 6.21 0.89
C ASP A 37 10.59 6.05 1.81
N VAL A 38 10.56 6.86 2.88
CA VAL A 38 9.50 6.90 3.89
C VAL A 38 9.20 8.37 4.25
N ALA A 39 8.10 8.61 4.93
CA ALA A 39 7.80 9.96 5.39
C ALA A 39 7.89 9.83 6.90
N VAL A 40 8.34 10.88 7.61
CA VAL A 40 8.49 10.84 9.05
C VAL A 40 7.85 12.06 9.68
N LYS A 41 6.75 11.86 10.46
CA LYS A 41 6.09 12.93 11.24
C LYS A 41 6.89 12.99 12.55
N MET A 42 7.44 14.16 12.87
CA MET A 42 8.27 14.31 14.06
C MET A 42 7.83 15.40 15.02
N LEU A 43 8.36 15.31 16.25
CA LEU A 43 8.17 16.31 17.29
C LEU A 43 9.50 17.03 17.54
N ASN A 44 9.47 18.38 17.43
CA ASN A 44 10.62 19.29 17.55
C ASN A 44 11.40 19.18 18.87
N VAL A 45 10.68 19.26 20.02
CA VAL A 45 11.18 19.20 21.40
C VAL A 45 12.07 17.99 21.70
N THR A 46 13.05 18.17 22.61
CA THR A 46 13.99 17.14 23.05
C THR A 46 13.33 16.34 24.19
N ALA A 47 12.52 17.05 25.01
CA ALA A 47 11.75 16.52 26.12
C ALA A 47 10.25 16.78 25.85
N PRO A 48 9.44 15.73 25.61
CA PRO A 48 8.02 15.97 25.30
C PRO A 48 7.11 16.13 26.50
N THR A 49 6.01 16.87 26.28
CA THR A 49 4.94 17.13 27.25
C THR A 49 4.24 15.77 27.52
N PRO A 50 3.72 15.49 28.75
CA PRO A 50 2.98 14.22 28.94
C PRO A 50 1.74 14.14 28.02
N GLN A 51 1.20 15.32 27.59
CA GLN A 51 0.07 15.46 26.66
C GLN A 51 0.55 15.13 25.24
N GLN A 52 1.80 15.51 24.89
CA GLN A 52 2.45 15.25 23.59
C GLN A 52 2.69 13.76 23.43
N LEU A 53 3.26 13.12 24.50
CA LEU A 53 3.49 11.69 24.55
C LEU A 53 2.17 10.93 24.43
N GLN A 54 1.07 11.46 24.98
CA GLN A 54 -0.24 10.83 24.87
C GLN A 54 -0.76 10.86 23.41
N ALA A 55 -0.73 12.03 22.76
CA ALA A 55 -1.17 12.21 21.39
C ALA A 55 -0.35 11.36 20.37
N PHE A 56 0.94 11.14 20.69
CA PHE A 56 1.81 10.30 19.85
C PHE A 56 1.31 8.85 19.99
N LYS A 57 1.08 8.41 21.25
CA LYS A 57 0.55 7.09 21.61
C LYS A 57 -0.80 6.88 20.93
N ASN A 58 -1.66 7.93 20.90
CA ASN A 58 -2.98 7.86 20.30
C ASN A 58 -2.91 7.73 18.79
N GLU A 59 -2.06 8.53 18.11
CA GLU A 59 -1.88 8.47 16.63
C GLU A 59 -1.39 7.09 16.18
N VAL A 60 -0.30 6.59 16.83
CA VAL A 60 0.27 5.27 16.57
C VAL A 60 -0.81 4.19 16.83
N GLY A 61 -1.62 4.41 17.87
CA GLY A 61 -2.74 3.54 18.23
C GLY A 61 -3.78 3.40 17.14
N VAL A 62 -4.14 4.54 16.51
CA VAL A 62 -5.09 4.60 15.40
C VAL A 62 -4.47 3.95 14.19
N LEU A 63 -3.22 4.34 13.87
CA LEU A 63 -2.53 3.85 12.69
C LEU A 63 -2.30 2.33 12.70
N ARG A 64 -1.93 1.73 13.86
CA ARG A 64 -1.73 0.28 13.95
C ARG A 64 -3.06 -0.52 13.78
N LYS A 65 -4.22 0.18 13.74
CA LYS A 65 -5.56 -0.43 13.51
C LYS A 65 -5.90 -0.43 11.99
N THR A 66 -5.05 0.18 11.13
CA THR A 66 -5.31 0.36 9.71
C THR A 66 -4.41 -0.47 8.79
N ARG A 67 -5.04 -1.15 7.84
CA ARG A 67 -4.40 -1.97 6.81
C ARG A 67 -5.33 -1.94 5.60
N HIS A 68 -5.27 -0.85 4.79
CA HIS A 68 -6.14 -0.66 3.63
C HIS A 68 -5.46 0.25 2.61
N VAL A 69 -5.72 0.02 1.28
CA VAL A 69 -5.07 0.75 0.16
C VAL A 69 -5.37 2.23 0.14
N ASN A 70 -6.50 2.64 0.70
CA ASN A 70 -6.90 4.02 0.66
C ASN A 70 -6.48 4.73 1.93
N ILE A 71 -5.80 4.03 2.85
CA ILE A 71 -5.29 4.61 4.08
C ILE A 71 -3.78 4.61 4.00
N LEU A 72 -3.16 5.74 4.35
CA LEU A 72 -1.71 5.89 4.34
C LEU A 72 -1.09 4.78 5.20
N LEU A 73 -0.11 4.09 4.63
CA LEU A 73 0.50 2.93 5.27
C LEU A 73 1.36 3.27 6.47
N PHE A 74 0.88 2.90 7.66
CA PHE A 74 1.67 3.09 8.87
C PHE A 74 2.80 2.06 8.78
N MET A 75 4.04 2.48 9.06
CA MET A 75 5.18 1.55 8.94
C MET A 75 5.90 1.24 10.26
N GLY A 76 5.84 2.17 11.20
CA GLY A 76 6.45 2.04 12.52
C GLY A 76 6.55 3.38 13.23
N TYR A 77 6.94 3.34 14.51
CA TYR A 77 7.14 4.54 15.33
C TYR A 77 8.56 4.48 15.96
N SER A 78 9.04 5.62 16.47
CA SER A 78 10.32 5.72 17.18
C SER A 78 10.17 6.73 18.27
N THR A 79 10.70 6.40 19.44
CA THR A 79 10.60 7.26 20.62
C THR A 79 11.89 8.08 20.77
N LYS A 80 13.06 7.41 20.68
CA LYS A 80 14.38 8.05 20.75
C LYS A 80 14.95 8.25 19.32
N PRO A 81 15.55 9.43 18.96
CA PRO A 81 15.80 10.63 19.78
C PRO A 81 14.55 11.48 19.98
N GLN A 82 13.77 11.66 18.91
CA GLN A 82 12.53 12.42 18.92
C GLN A 82 11.39 11.48 18.59
N LEU A 83 10.18 11.79 19.11
CA LEU A 83 8.94 11.04 18.85
C LEU A 83 8.64 11.16 17.37
N ALA A 84 8.68 10.03 16.66
CA ALA A 84 8.46 10.01 15.21
C ALA A 84 7.57 8.88 14.72
N ILE A 85 6.67 9.20 13.78
CA ILE A 85 5.78 8.22 13.16
C ILE A 85 6.19 8.07 11.70
N VAL A 86 6.61 6.85 11.32
CA VAL A 86 7.07 6.51 9.98
C VAL A 86 5.94 5.91 9.14
N THR A 87 5.70 6.50 7.98
CA THR A 87 4.71 5.98 7.03
C THR A 87 5.42 5.79 5.67
N GLN A 88 4.70 5.24 4.69
CA GLN A 88 5.22 5.13 3.33
C GLN A 88 5.48 6.53 2.80
N TRP A 89 6.39 6.67 1.82
CA TRP A 89 6.56 7.96 1.15
C TRP A 89 5.64 7.85 -0.03
N CYS A 90 4.94 8.93 -0.37
CA CYS A 90 3.99 8.92 -1.46
C CYS A 90 4.54 9.67 -2.63
N GLU A 91 4.20 9.24 -3.83
CA GLU A 91 4.71 9.98 -4.97
C GLU A 91 3.57 10.78 -5.52
N GLY A 92 3.76 12.10 -5.66
CA GLY A 92 2.73 12.97 -6.22
C GLY A 92 2.39 14.18 -5.40
N SER A 93 1.09 14.54 -5.40
CA SER A 93 0.60 15.72 -4.70
C SER A 93 -0.74 15.40 -4.05
N SER A 94 -1.19 16.22 -3.08
CA SER A 94 -2.49 16.09 -2.41
C SER A 94 -3.59 16.53 -3.38
N LEU A 95 -4.84 16.07 -3.15
CA LEU A 95 -5.99 16.47 -3.97
C LEU A 95 -6.10 18.01 -4.03
N TYR A 96 -5.90 18.68 -2.86
CA TYR A 96 -5.89 20.13 -2.69
C TYR A 96 -4.89 20.75 -3.65
N HIS A 97 -3.65 20.20 -3.68
CA HIS A 97 -2.61 20.71 -4.56
C HIS A 97 -3.05 20.62 -6.01
N HIS A 98 -3.56 19.44 -6.41
CA HIS A 98 -4.04 19.18 -7.76
C HIS A 98 -5.12 20.16 -8.19
N LEU A 99 -6.20 20.28 -7.37
CA LEU A 99 -7.35 21.10 -7.69
C LEU A 99 -7.14 22.58 -7.62
N HIS A 100 -6.55 23.06 -6.50
CA HIS A 100 -6.42 24.48 -6.17
C HIS A 100 -5.06 25.14 -6.39
N ILE A 101 -3.94 24.40 -6.36
CA ILE A 101 -2.64 25.04 -6.59
C ILE A 101 -2.25 24.97 -8.06
N ILE A 102 -2.04 23.76 -8.58
CA ILE A 102 -1.60 23.49 -9.95
C ILE A 102 -2.76 23.37 -10.95
N GLU A 103 -4.02 23.49 -10.46
CA GLU A 103 -5.26 23.46 -11.23
C GLU A 103 -5.32 22.34 -12.32
N THR A 104 -5.05 21.09 -11.89
CA THR A 104 -5.11 19.88 -12.73
C THR A 104 -6.54 19.67 -13.25
N LYS A 105 -6.67 19.53 -14.57
CA LYS A 105 -7.99 19.31 -15.17
C LYS A 105 -8.21 17.80 -15.31
N PHE A 106 -8.85 17.20 -14.30
CA PHE A 106 -9.16 15.76 -14.28
C PHE A 106 -10.42 15.51 -15.09
N GLU A 107 -10.47 14.36 -15.78
CA GLU A 107 -11.66 13.95 -16.53
C GLU A 107 -12.71 13.50 -15.50
N MET A 108 -14.01 13.69 -15.83
CA MET A 108 -15.15 13.35 -14.94
C MET A 108 -15.02 11.94 -14.35
N ILE A 109 -14.67 10.95 -15.20
CA ILE A 109 -14.46 9.56 -14.80
C ILE A 109 -13.42 9.45 -13.64
N LYS A 110 -12.27 10.19 -13.74
CA LYS A 110 -11.25 10.19 -12.68
C LYS A 110 -11.75 10.85 -11.41
N LEU A 111 -12.51 11.96 -11.56
CA LEU A 111 -13.05 12.71 -10.43
C LEU A 111 -13.94 11.82 -9.57
N ILE A 112 -14.85 11.09 -10.24
CA ILE A 112 -15.74 10.13 -9.62
C ILE A 112 -14.90 9.01 -8.97
N ASP A 113 -13.84 8.51 -9.64
CA ASP A 113 -12.94 7.52 -9.04
C ASP A 113 -12.26 8.04 -7.75
N ILE A 114 -11.82 9.34 -7.74
CA ILE A 114 -11.19 9.95 -6.56
C ILE A 114 -12.23 9.99 -5.41
N ALA A 115 -13.50 10.28 -5.77
CA ALA A 115 -14.61 10.29 -4.81
C ALA A 115 -14.79 8.86 -4.25
N ARG A 116 -14.92 7.85 -5.17
CA ARG A 116 -15.09 6.44 -4.83
C ARG A 116 -13.98 5.92 -3.91
N GLN A 117 -12.73 6.32 -4.21
CA GLN A 117 -11.59 5.90 -3.41
C GLN A 117 -11.62 6.51 -2.03
N THR A 118 -11.90 7.84 -1.94
CA THR A 118 -12.02 8.53 -0.66
C THR A 118 -13.12 7.87 0.19
N ALA A 119 -14.30 7.58 -0.42
CA ALA A 119 -15.45 6.92 0.19
C ALA A 119 -15.05 5.54 0.74
N GLN A 120 -14.28 4.78 -0.07
CA GLN A 120 -13.79 3.45 0.27
C GLN A 120 -12.96 3.45 1.53
N GLY A 121 -12.03 4.41 1.61
CA GLY A 121 -11.13 4.60 2.74
C GLY A 121 -11.86 5.04 3.99
N MET A 122 -12.87 5.93 3.79
CA MET A 122 -13.73 6.47 4.84
C MET A 122 -14.57 5.40 5.48
N ASP A 123 -15.20 4.56 4.64
CA ASP A 123 -15.99 3.42 5.08
C ASP A 123 -15.14 2.46 5.95
N TYR A 124 -13.88 2.19 5.55
CA TYR A 124 -12.93 1.35 6.28
C TYR A 124 -12.68 1.87 7.72
N LEU A 125 -12.37 3.18 7.83
CA LEU A 125 -12.12 3.86 9.10
C LEU A 125 -13.36 3.79 9.97
N HIS A 126 -14.53 4.09 9.41
CA HIS A 126 -15.78 4.03 10.15
C HIS A 126 -16.11 2.62 10.64
N ALA A 127 -15.81 1.61 9.82
CA ALA A 127 -15.99 0.20 10.17
C ALA A 127 -15.13 -0.15 11.40
N LYS A 128 -13.92 0.45 11.46
CA LYS A 128 -12.91 0.30 12.52
C LYS A 128 -13.17 1.33 13.64
N SER A 129 -14.37 1.95 13.61
CA SER A 129 -14.83 2.96 14.58
C SER A 129 -13.79 4.09 14.77
N ILE A 130 -13.32 4.64 13.64
CA ILE A 130 -12.34 5.70 13.59
C ILE A 130 -13.01 6.90 12.93
N ILE A 131 -13.06 8.04 13.66
CA ILE A 131 -13.59 9.30 13.11
C ILE A 131 -12.39 10.19 12.75
N HIS A 132 -12.17 10.45 11.44
CA HIS A 132 -11.05 11.25 10.97
C HIS A 132 -10.97 12.65 11.61
N ARG A 133 -12.13 13.33 11.71
CA ARG A 133 -12.33 14.64 12.34
C ARG A 133 -11.78 15.78 11.51
N ASP A 134 -11.01 15.49 10.46
CA ASP A 134 -10.37 16.53 9.65
C ASP A 134 -10.18 16.10 8.19
N LEU A 135 -11.22 15.48 7.58
CA LEU A 135 -11.14 15.09 6.17
C LEU A 135 -11.23 16.37 5.36
N LYS A 136 -10.31 16.53 4.41
CA LYS A 136 -10.22 17.66 3.49
C LYS A 136 -9.33 17.26 2.31
N SER A 137 -9.38 18.02 1.21
CA SER A 137 -8.58 17.72 0.03
C SER A 137 -7.07 17.72 0.33
N ASN A 138 -6.59 18.46 1.36
CA ASN A 138 -5.17 18.51 1.73
C ASN A 138 -4.74 17.21 2.38
N ASN A 139 -5.70 16.40 2.87
CA ASN A 139 -5.47 15.13 3.55
C ASN A 139 -5.76 13.91 2.68
N ILE A 140 -6.04 14.15 1.40
CA ILE A 140 -6.29 13.11 0.42
C ILE A 140 -5.11 13.15 -0.51
N PHE A 141 -4.26 12.13 -0.44
CA PHE A 141 -3.08 12.13 -1.29
C PHE A 141 -3.28 11.28 -2.53
N LEU A 142 -3.15 11.89 -3.69
CA LEU A 142 -3.28 11.19 -4.95
C LEU A 142 -1.92 10.56 -5.39
N HIS A 143 -1.59 9.41 -4.73
CA HIS A 143 -0.40 8.58 -4.89
C HIS A 143 -0.21 8.07 -6.29
N GLU A 144 1.03 8.20 -6.80
CA GLU A 144 1.48 7.77 -8.12
C GLU A 144 0.47 8.24 -9.17
N ASP A 145 -0.22 9.34 -8.84
CA ASP A 145 -1.25 10.07 -9.57
C ASP A 145 -2.54 9.28 -9.78
N LEU A 146 -2.76 8.16 -9.02
CA LEU A 146 -3.99 7.36 -9.20
C LEU A 146 -4.59 6.70 -7.93
N THR A 147 -3.87 6.62 -6.80
CA THR A 147 -4.47 6.02 -5.61
C THR A 147 -4.60 7.00 -4.45
N VAL A 148 -5.86 7.22 -3.99
CA VAL A 148 -6.23 8.07 -2.86
C VAL A 148 -5.63 7.44 -1.63
N LYS A 149 -4.90 8.23 -0.85
CA LYS A 149 -4.33 7.79 0.43
C LYS A 149 -4.71 8.81 1.54
N ILE A 150 -5.75 8.51 2.34
CA ILE A 150 -6.21 9.38 3.42
C ILE A 150 -5.15 9.45 4.51
N GLY A 151 -4.72 10.66 4.83
CA GLY A 151 -3.72 10.88 5.85
C GLY A 151 -4.01 12.06 6.75
N ASP A 152 -2.97 12.51 7.43
CA ASP A 152 -3.02 13.65 8.31
C ASP A 152 -1.76 14.51 8.07
N PHE A 153 -1.69 15.03 6.83
CA PHE A 153 -0.65 15.89 6.22
C PHE A 153 -0.66 17.33 6.82
N GLY A 154 -1.57 17.58 7.78
CA GLY A 154 -1.67 18.83 8.52
C GLY A 154 -0.71 18.86 9.70
N LEU A 155 -0.18 20.07 10.05
CA LEU A 155 0.82 20.19 11.13
C LEU A 155 0.58 21.27 12.25
N ALA A 156 -0.61 21.91 12.31
CA ALA A 156 -0.96 22.95 13.30
C ALA A 156 -0.63 22.59 14.76
N GLY A 173 -8.30 26.29 13.02
CA GLY A 173 -9.10 25.31 12.29
C GLY A 173 -9.25 25.49 10.78
N SER A 174 -9.84 24.44 10.11
CA SER A 174 -10.12 24.32 8.64
C SER A 174 -11.65 24.18 8.44
N ILE A 175 -12.30 25.33 8.62
CA ILE A 175 -13.75 25.58 8.70
C ILE A 175 -14.56 25.29 7.43
N LEU A 176 -13.91 25.16 6.24
CA LEU A 176 -14.66 24.92 5.01
C LEU A 176 -15.30 23.53 4.95
N TRP A 177 -14.70 22.52 5.64
CA TRP A 177 -15.20 21.14 5.67
C TRP A 177 -16.02 20.84 6.94
N MET A 178 -16.05 21.78 7.88
CA MET A 178 -16.80 21.60 9.12
C MET A 178 -18.30 21.72 8.96
N ALA A 179 -18.99 20.67 9.43
CA ALA A 179 -20.44 20.53 9.49
C ALA A 179 -21.02 21.60 10.42
N PRO A 180 -22.22 22.16 10.13
CA PRO A 180 -22.77 23.21 11.03
C PRO A 180 -22.69 22.87 12.52
N GLU A 181 -23.04 21.61 12.94
CA GLU A 181 -22.99 21.21 14.36
C GLU A 181 -21.56 21.31 14.99
N VAL A 182 -20.51 21.12 14.16
CA VAL A 182 -19.11 21.24 14.55
C VAL A 182 -18.80 22.74 14.67
N ILE A 183 -19.03 23.52 13.57
CA ILE A 183 -18.83 24.98 13.50
C ILE A 183 -19.58 25.70 14.68
N ARG A 184 -20.70 25.15 15.14
CA ARG A 184 -21.47 25.71 16.23
C ARG A 184 -20.83 25.44 17.57
N MET A 185 -20.22 24.23 17.77
CA MET A 185 -19.65 23.75 19.04
C MET A 185 -20.71 23.85 20.14
N GLN A 186 -21.91 23.33 19.85
CA GLN A 186 -23.04 23.39 20.78
C GLN A 186 -23.11 22.14 21.72
N ASP A 187 -22.12 21.23 21.62
CA ASP A 187 -21.98 19.99 22.42
C ASP A 187 -20.48 19.71 22.69
N LYS A 188 -20.17 18.80 23.65
CA LYS A 188 -18.80 18.48 24.04
C LYS A 188 -18.07 17.78 22.90
N ASN A 189 -18.74 16.76 22.29
CA ASN A 189 -18.23 16.04 21.11
C ASN A 189 -19.25 16.09 19.94
N PRO A 190 -19.19 17.16 19.10
CA PRO A 190 -20.09 17.25 17.94
C PRO A 190 -19.61 16.36 16.76
N TYR A 191 -18.42 15.73 16.93
CA TYR A 191 -17.80 14.85 15.95
C TYR A 191 -18.50 13.51 15.92
N SER A 192 -18.90 13.13 14.70
CA SER A 192 -19.67 11.92 14.42
C SER A 192 -19.21 11.36 13.12
N PHE A 193 -19.76 10.20 12.73
CA PHE A 193 -19.48 9.60 11.43
C PHE A 193 -20.07 10.57 10.39
N GLN A 194 -21.22 11.17 10.76
CA GLN A 194 -21.98 12.17 9.98
C GLN A 194 -21.20 13.42 9.68
N SER A 195 -20.39 13.90 10.66
CA SER A 195 -19.55 15.08 10.55
C SER A 195 -18.57 14.83 9.38
N ASP A 196 -17.95 13.62 9.35
CA ASP A 196 -17.03 13.17 8.30
C ASP A 196 -17.73 13.12 6.95
N VAL A 197 -19.03 12.72 6.94
CA VAL A 197 -19.86 12.67 5.72
C VAL A 197 -20.00 14.08 5.15
N TYR A 198 -20.19 15.10 6.02
CA TYR A 198 -20.26 16.49 5.58
C TYR A 198 -18.91 16.95 4.97
N ALA A 199 -17.76 16.63 5.63
CA ALA A 199 -16.44 16.97 5.10
C ALA A 199 -16.28 16.32 3.71
N PHE A 200 -16.75 15.04 3.56
CA PHE A 200 -16.74 14.31 2.30
C PHE A 200 -17.61 15.03 1.24
N GLY A 201 -18.76 15.54 1.69
CA GLY A 201 -19.67 16.34 0.88
C GLY A 201 -18.97 17.55 0.28
N ILE A 202 -18.18 18.27 1.11
CA ILE A 202 -17.36 19.42 0.70
C ILE A 202 -16.27 18.96 -0.25
N VAL A 203 -15.64 17.79 0.02
CA VAL A 203 -14.61 17.21 -0.87
C VAL A 203 -15.25 16.97 -2.26
N LEU A 204 -16.51 16.50 -2.29
CA LEU A 204 -17.23 16.27 -3.55
C LEU A 204 -17.49 17.60 -4.25
N TYR A 205 -17.79 18.66 -3.48
CA TYR A 205 -18.01 19.99 -4.05
C TYR A 205 -16.72 20.44 -4.76
N GLU A 206 -15.55 20.23 -4.12
CA GLU A 206 -14.23 20.54 -4.69
C GLU A 206 -13.99 19.75 -5.97
N LEU A 207 -14.30 18.46 -5.97
CA LEU A 207 -14.08 17.62 -7.15
C LEU A 207 -14.97 18.05 -8.32
N MET A 208 -16.24 18.37 -8.01
CA MET A 208 -17.23 18.69 -9.02
C MET A 208 -17.27 20.16 -9.44
N THR A 209 -16.64 21.07 -8.67
CA THR A 209 -16.62 22.50 -9.04
C THR A 209 -15.18 22.99 -9.29
N GLY A 210 -14.21 22.16 -8.91
CA GLY A 210 -12.79 22.48 -9.02
C GLY A 210 -12.37 23.65 -8.17
N GLN A 211 -13.23 23.99 -7.19
CA GLN A 211 -13.13 25.16 -6.31
C GLN A 211 -13.49 24.87 -4.87
N LEU A 212 -13.06 25.78 -3.98
CA LEU A 212 -13.36 25.73 -2.56
C LEU A 212 -14.70 26.44 -2.32
N PRO A 213 -15.49 26.07 -1.28
CA PRO A 213 -16.76 26.78 -1.08
C PRO A 213 -16.56 28.20 -0.54
N TYR A 214 -17.58 29.06 -0.72
CA TYR A 214 -17.66 30.44 -0.23
C TYR A 214 -16.48 31.32 -0.70
N SER A 215 -16.13 31.19 -1.99
CA SER A 215 -15.04 31.88 -2.72
C SER A 215 -15.22 33.38 -2.69
N ASN A 216 -16.48 33.84 -2.75
CA ASN A 216 -16.88 35.24 -2.79
C ASN A 216 -16.97 35.91 -1.41
N ILE A 217 -16.82 35.13 -0.32
CA ILE A 217 -16.83 35.66 1.04
C ILE A 217 -15.41 35.76 1.56
N ASN A 218 -14.96 37.00 1.90
CA ASN A 218 -13.61 37.25 2.40
C ASN A 218 -13.51 37.32 3.95
N ASN A 219 -14.61 37.00 4.68
CA ASN A 219 -14.61 37.08 6.14
C ASN A 219 -14.83 35.70 6.78
N ARG A 220 -13.78 35.18 7.47
CA ARG A 220 -13.81 33.89 8.13
C ARG A 220 -14.88 33.83 9.21
N ASP A 221 -14.94 34.87 10.07
CA ASP A 221 -15.91 34.87 11.15
C ASP A 221 -17.33 34.81 10.64
N GLN A 222 -17.61 35.50 9.52
CA GLN A 222 -18.93 35.50 8.91
C GLN A 222 -19.26 34.16 8.28
N ILE A 223 -18.27 33.49 7.64
CA ILE A 223 -18.48 32.15 7.11
C ILE A 223 -18.88 31.29 8.29
N ILE A 224 -18.13 31.39 9.42
CA ILE A 224 -18.38 30.62 10.64
C ILE A 224 -19.78 30.87 11.13
N PHE A 225 -20.12 32.13 11.35
CA PHE A 225 -21.45 32.52 11.83
C PHE A 225 -22.59 31.96 11.00
N MET A 226 -22.52 32.16 9.68
CA MET A 226 -23.55 31.82 8.73
C MET A 226 -23.73 30.34 8.48
N VAL A 227 -22.64 29.57 8.39
CA VAL A 227 -22.73 28.12 8.19
C VAL A 227 -23.41 27.46 9.39
N GLY A 228 -23.05 27.90 10.58
CA GLY A 228 -23.57 27.43 11.85
C GLY A 228 -25.04 27.69 11.96
N ARG A 229 -25.45 28.93 11.67
CA ARG A 229 -26.84 29.42 11.65
C ARG A 229 -27.62 28.90 10.41
N GLY A 230 -26.94 28.22 9.48
CA GLY A 230 -27.53 27.68 8.26
C GLY A 230 -28.08 28.72 7.30
N TYR A 231 -27.47 29.93 7.27
CA TYR A 231 -27.85 31.03 6.39
C TYR A 231 -27.06 30.89 5.09
N LEU A 232 -25.98 30.09 5.13
CA LEU A 232 -25.06 29.89 4.02
C LEU A 232 -24.70 28.43 3.88
N SER A 233 -24.75 27.93 2.63
CA SER A 233 -24.42 26.55 2.24
C SER A 233 -23.66 26.61 0.91
N PRO A 234 -22.91 25.54 0.52
CA PRO A 234 -22.18 25.62 -0.76
C PRO A 234 -23.15 25.76 -1.94
N ASP A 235 -22.76 26.59 -2.94
CA ASP A 235 -23.58 26.85 -4.13
C ASP A 235 -23.42 25.70 -5.11
N LEU A 236 -24.35 24.72 -5.06
CA LEU A 236 -24.26 23.51 -5.91
C LEU A 236 -24.43 23.78 -7.41
N SER A 237 -24.89 24.99 -7.79
CA SER A 237 -25.05 25.38 -9.18
C SER A 237 -23.69 25.52 -9.88
N LYS A 238 -22.59 25.58 -9.11
CA LYS A 238 -21.23 25.73 -9.60
C LYS A 238 -20.63 24.43 -10.13
N VAL A 239 -21.36 23.30 -10.02
CA VAL A 239 -20.86 21.99 -10.49
C VAL A 239 -20.64 22.00 -11.99
N ARG A 240 -19.59 21.29 -12.44
CA ARG A 240 -19.21 21.09 -13.84
C ARG A 240 -20.44 20.53 -14.57
N SER A 241 -20.64 20.95 -15.82
CA SER A 241 -21.79 20.56 -16.67
C SER A 241 -21.93 19.02 -16.80
N ASN A 242 -20.79 18.32 -17.01
CA ASN A 242 -20.71 16.87 -17.12
C ASN A 242 -20.86 16.12 -15.78
N CYS A 243 -21.12 16.83 -14.68
CA CYS A 243 -21.32 16.18 -13.38
C CYS A 243 -22.65 15.43 -13.43
N PRO A 244 -22.65 14.09 -13.13
CA PRO A 244 -23.91 13.31 -13.17
C PRO A 244 -24.96 13.84 -12.20
N LYS A 245 -26.27 13.79 -12.57
CA LYS A 245 -27.35 14.28 -11.70
C LYS A 245 -27.33 13.53 -10.37
N ALA A 246 -27.07 12.19 -10.42
CA ALA A 246 -26.95 11.32 -9.24
C ALA A 246 -25.90 11.83 -8.23
N MET A 247 -24.73 12.26 -8.76
CA MET A 247 -23.61 12.80 -7.99
C MET A 247 -24.01 14.08 -7.28
N LYS A 248 -24.68 15.01 -8.01
CA LYS A 248 -25.12 16.30 -7.47
C LYS A 248 -26.11 16.07 -6.37
N ARG A 249 -26.98 15.05 -6.53
CA ARG A 249 -27.97 14.67 -5.52
C ARG A 249 -27.25 14.14 -4.29
N LEU A 250 -26.27 13.23 -4.49
CA LEU A 250 -25.44 12.64 -3.42
C LEU A 250 -24.72 13.71 -2.62
N MET A 251 -24.15 14.70 -3.31
CA MET A 251 -23.46 15.83 -2.73
C MET A 251 -24.42 16.56 -1.80
N ALA A 252 -25.64 16.83 -2.27
CA ALA A 252 -26.67 17.52 -1.51
C ALA A 252 -27.05 16.78 -0.24
N GLU A 253 -27.07 15.43 -0.27
CA GLU A 253 -27.40 14.59 0.89
C GLU A 253 -26.27 14.59 1.91
N CYS A 254 -25.04 14.52 1.43
CA CYS A 254 -23.85 14.54 2.28
C CYS A 254 -23.70 15.85 3.04
N LEU A 255 -24.23 16.95 2.44
CA LEU A 255 -24.14 18.30 2.95
C LEU A 255 -25.39 18.79 3.72
N LYS A 256 -26.30 17.86 4.12
CA LYS A 256 -27.53 18.23 4.83
C LYS A 256 -27.18 18.93 6.15
N LYS A 257 -27.85 20.08 6.43
CA LYS A 257 -27.59 20.85 7.65
C LYS A 257 -27.87 19.97 8.87
N LYS A 258 -29.01 19.25 8.86
CA LYS A 258 -29.39 18.32 9.93
C LYS A 258 -28.52 17.04 9.76
N ARG A 259 -27.67 16.71 10.76
CA ARG A 259 -26.75 15.58 10.62
C ARG A 259 -27.42 14.20 10.48
N ASP A 260 -28.63 14.02 11.03
CA ASP A 260 -29.34 12.73 10.98
C ASP A 260 -29.79 12.38 9.56
N GLU A 261 -29.98 13.42 8.72
CA GLU A 261 -30.38 13.34 7.32
C GLU A 261 -29.20 12.97 6.38
N ARG A 262 -27.95 13.01 6.89
CA ARG A 262 -26.76 12.66 6.10
C ARG A 262 -26.63 11.12 5.97
N PRO A 263 -26.28 10.59 4.77
CA PRO A 263 -26.12 9.14 4.64
C PRO A 263 -24.78 8.66 5.23
N LEU A 264 -24.61 7.36 5.45
CA LEU A 264 -23.29 6.89 5.92
C LEU A 264 -22.51 6.27 4.74
N PHE A 265 -21.19 6.07 4.91
CA PHE A 265 -20.31 5.63 3.81
C PHE A 265 -20.69 4.31 3.13
N PRO A 266 -21.23 3.25 3.78
CA PRO A 266 -21.67 2.07 3.01
C PRO A 266 -22.69 2.45 1.93
N GLN A 267 -23.64 3.34 2.29
CA GLN A 267 -24.67 3.85 1.39
C GLN A 267 -24.08 4.85 0.39
N ILE A 268 -23.09 5.66 0.81
CA ILE A 268 -22.44 6.63 -0.06
C ILE A 268 -21.73 5.89 -1.18
N LEU A 269 -20.95 4.85 -0.81
CA LEU A 269 -20.22 4.00 -1.73
C LEU A 269 -21.12 3.41 -2.76
N ALA A 270 -22.25 2.84 -2.32
CA ALA A 270 -23.28 2.23 -3.15
C ALA A 270 -23.72 3.18 -4.28
N SER A 271 -24.04 4.44 -3.93
CA SER A 271 -24.49 5.47 -4.86
C SER A 271 -23.43 5.84 -5.88
N ILE A 272 -22.17 6.06 -5.43
CA ILE A 272 -21.00 6.40 -6.27
C ILE A 272 -20.72 5.29 -7.29
N GLU A 273 -20.66 4.04 -6.81
CA GLU A 273 -20.40 2.88 -7.62
C GLU A 273 -21.49 2.70 -8.68
N LEU A 274 -22.74 3.07 -8.34
CA LEU A 274 -23.86 2.96 -9.25
C LEU A 274 -23.80 3.98 -10.39
N LEU A 275 -23.58 5.28 -10.04
CA LEU A 275 -23.48 6.36 -11.04
C LEU A 275 -22.28 6.19 -11.96
N ALA A 276 -21.19 5.57 -11.43
CA ALA A 276 -19.97 5.25 -12.15
C ALA A 276 -20.26 4.33 -13.33
N ARG A 277 -21.14 3.33 -13.11
CA ARG A 277 -21.56 2.36 -14.13
C ARG A 277 -22.33 3.01 -15.28
N SER A 278 -23.07 4.09 -14.99
CA SER A 278 -23.86 4.82 -16.00
C SER A 278 -23.11 6.10 -16.41
N LEU A 279 -22.17 6.01 -17.39
CA LEU A 279 -21.38 7.16 -17.80
C LEU A 279 -21.20 7.31 -19.31
N ASP B 7 -6.47 -5.99 16.61
CA ASP B 7 -6.70 -7.32 16.04
C ASP B 7 -7.08 -7.30 14.55
N TRP B 8 -6.84 -8.45 13.86
CA TRP B 8 -7.07 -8.63 12.44
C TRP B 8 -8.09 -9.72 12.06
N GLU B 9 -8.92 -10.20 13.01
CA GLU B 9 -9.93 -11.19 12.64
C GLU B 9 -11.15 -10.48 12.08
N ILE B 10 -11.49 -10.81 10.82
CA ILE B 10 -12.66 -10.25 10.15
C ILE B 10 -13.91 -11.02 10.64
N PRO B 11 -14.88 -10.29 11.27
CA PRO B 11 -16.10 -10.95 11.75
C PRO B 11 -16.85 -11.60 10.61
N ASP B 12 -17.10 -12.92 10.75
CA ASP B 12 -17.80 -13.77 9.78
C ASP B 12 -19.09 -13.12 9.24
N GLY B 13 -19.28 -13.28 7.94
CA GLY B 13 -20.41 -12.71 7.21
C GLY B 13 -20.12 -11.35 6.63
N GLN B 14 -18.81 -11.06 6.37
CA GLN B 14 -18.36 -9.78 5.82
C GLN B 14 -17.67 -9.97 4.46
N ILE B 15 -16.78 -10.98 4.35
CA ILE B 15 -16.04 -11.26 3.12
C ILE B 15 -16.94 -11.89 2.06
N THR B 16 -16.97 -11.30 0.86
CA THR B 16 -17.78 -11.78 -0.28
C THR B 16 -16.80 -12.38 -1.25
N VAL B 17 -16.69 -13.72 -1.22
CA VAL B 17 -15.82 -14.45 -2.11
C VAL B 17 -16.45 -14.50 -3.50
N GLY B 18 -15.61 -14.22 -4.51
CA GLY B 18 -15.99 -14.19 -5.91
C GLY B 18 -15.20 -15.16 -6.76
N GLN B 19 -14.92 -14.77 -8.01
CA GLN B 19 -14.23 -15.61 -8.98
C GLN B 19 -12.93 -16.25 -8.48
N ARG B 20 -12.78 -17.57 -8.72
CA ARG B 20 -11.55 -18.29 -8.38
C ARG B 20 -10.50 -17.83 -9.39
N ILE B 21 -9.33 -17.41 -8.91
CA ILE B 21 -8.34 -16.92 -9.85
C ILE B 21 -7.25 -18.00 -10.10
N GLY B 22 -6.67 -18.53 -9.01
CA GLY B 22 -5.63 -19.56 -9.04
C GLY B 22 -5.76 -20.55 -7.90
N SER B 23 -4.99 -21.65 -7.96
CA SER B 23 -5.03 -22.67 -6.93
C SER B 23 -3.70 -23.42 -6.78
N GLY B 24 -2.86 -22.95 -5.85
CA GLY B 24 -1.57 -23.56 -5.55
C GLY B 24 -1.73 -24.89 -4.82
N SER B 25 -0.60 -25.48 -4.37
CA SER B 25 -0.57 -26.77 -3.66
C SER B 25 -1.36 -26.72 -2.31
N PHE B 26 -1.11 -25.68 -1.49
CA PHE B 26 -1.81 -25.48 -0.21
C PHE B 26 -2.60 -24.15 -0.19
N GLY B 27 -3.86 -24.24 -0.64
CA GLY B 27 -4.79 -23.12 -0.70
C GLY B 27 -5.15 -22.61 -2.09
N THR B 28 -6.42 -22.21 -2.27
CA THR B 28 -7.04 -21.64 -3.49
C THR B 28 -7.26 -20.13 -3.30
N VAL B 29 -6.93 -19.32 -4.33
CA VAL B 29 -7.07 -17.86 -4.34
C VAL B 29 -8.32 -17.40 -5.13
N TYR B 30 -9.11 -16.50 -4.54
CA TYR B 30 -10.33 -15.94 -5.15
C TYR B 30 -10.27 -14.41 -5.12
N LYS B 31 -10.92 -13.75 -6.10
CA LYS B 31 -11.04 -12.29 -6.09
C LYS B 31 -12.32 -12.01 -5.26
N GLY B 32 -12.22 -11.09 -4.30
CA GLY B 32 -13.34 -10.82 -3.41
C GLY B 32 -13.69 -9.39 -3.11
N LYS B 33 -14.57 -9.24 -2.13
CA LYS B 33 -15.07 -7.96 -1.69
C LYS B 33 -15.08 -7.88 -0.17
N TRP B 34 -14.25 -6.99 0.38
CA TRP B 34 -14.17 -6.64 1.80
C TRP B 34 -13.55 -5.25 1.89
N HIS B 35 -14.40 -4.21 1.92
CA HIS B 35 -14.00 -2.80 1.88
C HIS B 35 -13.27 -2.56 0.56
N GLY B 36 -13.92 -2.97 -0.53
CA GLY B 36 -13.42 -2.88 -1.89
C GLY B 36 -12.88 -4.22 -2.39
N ASP B 37 -12.27 -4.21 -3.57
CA ASP B 37 -11.69 -5.43 -4.12
C ASP B 37 -10.55 -5.92 -3.24
N VAL B 38 -10.51 -7.23 -3.00
CA VAL B 38 -9.51 -7.91 -2.17
C VAL B 38 -9.15 -9.26 -2.80
N ALA B 39 -8.06 -9.87 -2.35
CA ALA B 39 -7.65 -11.22 -2.75
C ALA B 39 -7.91 -12.05 -1.50
N VAL B 40 -8.44 -13.27 -1.67
CA VAL B 40 -8.76 -14.15 -0.53
C VAL B 40 -8.13 -15.55 -0.75
N LYS B 41 -7.11 -15.90 0.07
CA LYS B 41 -6.49 -17.23 0.04
C LYS B 41 -7.32 -18.11 0.98
N MET B 42 -7.76 -19.28 0.50
CA MET B 42 -8.66 -20.14 1.26
C MET B 42 -8.34 -21.63 1.12
N LEU B 43 -8.80 -22.47 2.09
CA LEU B 43 -8.68 -23.94 2.04
C LEU B 43 -10.10 -24.53 1.96
N ASN B 44 -10.32 -25.38 0.94
CA ASN B 44 -11.58 -26.06 0.55
C ASN B 44 -12.30 -26.83 1.69
N VAL B 45 -11.54 -27.58 2.50
CA VAL B 45 -11.98 -28.41 3.62
C VAL B 45 -13.04 -27.79 4.57
N THR B 46 -13.90 -28.65 5.13
CA THR B 46 -14.89 -28.27 6.15
C THR B 46 -14.16 -28.40 7.50
N ALA B 47 -13.29 -29.43 7.60
CA ALA B 47 -12.45 -29.73 8.77
C ALA B 47 -10.97 -29.69 8.33
N PRO B 48 -10.18 -28.71 8.82
CA PRO B 48 -8.76 -28.65 8.40
C PRO B 48 -7.83 -29.56 9.21
N THR B 49 -6.74 -29.99 8.55
CA THR B 49 -5.65 -30.82 9.10
C THR B 49 -4.99 -30.00 10.24
N PRO B 50 -4.47 -30.62 11.34
CA PRO B 50 -3.75 -29.81 12.35
C PRO B 50 -2.52 -29.12 11.74
N GLN B 51 -1.95 -29.70 10.63
CA GLN B 51 -0.82 -29.15 9.86
C GLN B 51 -1.29 -27.94 9.04
N GLN B 52 -2.53 -27.99 8.50
CA GLN B 52 -3.19 -26.93 7.73
C GLN B 52 -3.47 -25.73 8.63
N LEU B 53 -4.05 -26.00 9.83
CA LEU B 53 -4.32 -24.99 10.83
C LEU B 53 -3.03 -24.33 11.28
N GLN B 54 -1.91 -25.08 11.36
CA GLN B 54 -0.61 -24.52 11.74
C GLN B 54 -0.09 -23.56 10.68
N ALA B 55 -0.06 -23.99 9.40
CA ALA B 55 0.39 -23.16 8.28
C ALA B 55 -0.45 -21.87 8.10
N PHE B 56 -1.76 -21.91 8.44
CA PHE B 56 -2.63 -20.75 8.39
C PHE B 56 -2.16 -19.78 9.47
N LYS B 57 -1.97 -20.30 10.71
CA LYS B 57 -1.48 -19.58 11.88
C LYS B 57 -0.12 -18.95 11.57
N ASN B 58 0.76 -19.71 10.89
CA ASN B 58 2.10 -19.23 10.53
C ASN B 58 2.06 -18.13 9.52
N GLU B 59 1.25 -18.27 8.42
CA GLU B 59 1.11 -17.26 7.35
C GLU B 59 0.59 -15.95 7.92
N VAL B 60 -0.53 -15.99 8.67
CA VAL B 60 -1.12 -14.82 9.33
C VAL B 60 -0.09 -14.17 10.27
N GLY B 61 0.69 -15.03 10.97
CA GLY B 61 1.76 -14.62 11.87
C GLY B 61 2.83 -13.80 11.18
N VAL B 62 3.25 -14.26 9.99
CA VAL B 62 4.26 -13.60 9.15
C VAL B 62 3.69 -12.32 8.61
N LEU B 63 2.47 -12.39 8.05
CA LEU B 63 1.84 -11.25 7.41
C LEU B 63 1.56 -10.09 8.40
N ARG B 64 1.11 -10.37 9.64
CA ARG B 64 0.88 -9.34 10.64
C ARG B 64 2.21 -8.63 11.10
N LYS B 65 3.38 -9.14 10.67
CA LYS B 65 4.70 -8.56 10.97
C LYS B 65 5.14 -7.60 9.81
N THR B 66 4.39 -7.59 8.66
CA THR B 66 4.70 -6.83 7.44
C THR B 66 3.84 -5.57 7.16
N ARG B 67 4.55 -4.42 6.98
CA ARG B 67 3.99 -3.10 6.66
C ARG B 67 4.98 -2.37 5.78
N HIS B 68 4.99 -2.76 4.49
CA HIS B 68 5.92 -2.21 3.47
C HIS B 68 5.25 -2.17 2.08
N VAL B 69 5.57 -1.13 1.27
CA VAL B 69 4.99 -0.94 -0.06
C VAL B 69 5.26 -2.07 -1.05
N ASN B 70 6.35 -2.82 -0.85
CA ASN B 70 6.80 -3.91 -1.71
C ASN B 70 6.39 -5.29 -1.18
N ILE B 71 5.64 -5.30 -0.07
CA ILE B 71 5.07 -6.52 0.48
C ILE B 71 3.55 -6.44 0.34
N LEU B 72 2.94 -7.52 -0.16
CA LEU B 72 1.50 -7.59 -0.35
C LEU B 72 0.80 -7.26 0.96
N LEU B 73 -0.16 -6.34 0.87
CA LEU B 73 -0.85 -5.84 2.05
C LEU B 73 -1.75 -6.85 2.72
N PHE B 74 -1.33 -7.31 3.91
CA PHE B 74 -2.19 -8.20 4.71
C PHE B 74 -3.33 -7.32 5.23
N MET B 75 -4.58 -7.79 5.11
CA MET B 75 -5.72 -6.99 5.52
C MET B 75 -6.50 -7.56 6.71
N GLY B 76 -6.47 -8.88 6.85
CA GLY B 76 -7.15 -9.62 7.90
C GLY B 76 -7.26 -11.10 7.60
N TYR B 77 -7.70 -11.87 8.58
CA TYR B 77 -7.91 -13.31 8.45
C TYR B 77 -9.35 -13.64 8.89
N SER B 78 -9.83 -14.85 8.55
CA SER B 78 -11.13 -15.35 8.96
C SER B 78 -10.99 -16.85 9.16
N THR B 79 -11.59 -17.34 10.25
CA THR B 79 -11.52 -18.75 10.60
C THR B 79 -12.81 -19.44 10.15
N LYS B 80 -13.99 -18.84 10.45
CA LYS B 80 -15.32 -19.33 10.05
C LYS B 80 -15.80 -18.57 8.79
N PRO B 81 -16.36 -19.25 7.74
CA PRO B 81 -16.64 -20.69 7.61
C PRO B 81 -15.39 -21.49 7.27
N GLN B 82 -14.55 -20.94 6.40
CA GLN B 82 -13.30 -21.58 6.03
C GLN B 82 -12.15 -20.68 6.42
N LEU B 83 -10.95 -21.29 6.61
CA LEU B 83 -9.72 -20.58 6.94
C LEU B 83 -9.35 -19.73 5.73
N ALA B 84 -9.38 -18.40 5.90
CA ALA B 84 -9.09 -17.46 4.82
C ALA B 84 -8.20 -16.29 5.21
N ILE B 85 -7.25 -15.95 4.33
CA ILE B 85 -6.36 -14.80 4.52
C ILE B 85 -6.71 -13.75 3.46
N VAL B 86 -7.14 -12.56 3.93
CA VAL B 86 -7.53 -11.45 3.07
C VAL B 86 -6.39 -10.49 2.87
N THR B 87 -6.05 -10.23 1.58
CA THR B 87 -5.00 -9.27 1.19
C THR B 87 -5.59 -8.19 0.28
N GLN B 88 -4.73 -7.27 -0.16
CA GLN B 88 -5.13 -6.24 -1.10
C GLN B 88 -5.28 -6.87 -2.46
N TRP B 89 -6.16 -6.31 -3.31
CA TRP B 89 -6.28 -6.78 -4.71
C TRP B 89 -5.26 -6.01 -5.54
N CYS B 90 -4.59 -6.70 -6.46
CA CYS B 90 -3.56 -6.05 -7.26
C CYS B 90 -4.01 -5.87 -8.68
N GLU B 91 -3.68 -4.73 -9.29
CA GLU B 91 -4.09 -4.56 -10.67
C GLU B 91 -2.89 -4.79 -11.55
N GLY B 92 -3.02 -5.72 -12.50
CA GLY B 92 -1.94 -6.03 -13.43
C GLY B 92 -1.63 -7.50 -13.57
N SER B 93 -0.33 -7.81 -13.72
CA SER B 93 0.16 -9.17 -13.93
C SER B 93 1.44 -9.37 -13.13
N SER B 94 1.82 -10.63 -12.91
CA SER B 94 3.06 -11.00 -12.21
C SER B 94 4.25 -10.75 -13.13
N LEU B 95 5.45 -10.58 -12.55
CA LEU B 95 6.69 -10.40 -13.34
C LEU B 95 6.86 -11.52 -14.37
N TYR B 96 6.57 -12.78 -13.95
CA TYR B 96 6.59 -13.99 -14.77
C TYR B 96 5.70 -13.82 -16.00
N HIS B 97 4.45 -13.35 -15.77
CA HIS B 97 3.53 -13.13 -16.86
C HIS B 97 4.10 -12.13 -17.85
N HIS B 98 4.60 -10.98 -17.34
CA HIS B 98 5.20 -9.93 -18.14
C HIS B 98 6.34 -10.41 -19.00
N LEU B 99 7.33 -11.06 -18.39
CA LEU B 99 8.55 -11.51 -19.06
C LEU B 99 8.37 -12.68 -20.01
N HIS B 100 7.71 -13.74 -19.53
CA HIS B 100 7.59 -15.03 -20.23
C HIS B 100 6.28 -15.34 -20.95
N ILE B 101 5.13 -14.77 -20.53
CA ILE B 101 3.88 -15.04 -21.23
C ILE B 101 3.60 -14.01 -22.33
N ILE B 102 3.41 -12.75 -21.93
CA ILE B 102 3.09 -11.62 -22.82
C ILE B 102 4.31 -10.92 -23.38
N GLU B 103 5.53 -11.38 -22.99
CA GLU B 103 6.84 -10.92 -23.47
C GLU B 103 6.97 -9.37 -23.52
N THR B 104 6.62 -8.68 -22.42
CA THR B 104 6.70 -7.23 -22.25
C THR B 104 8.16 -6.79 -22.39
N LYS B 105 8.38 -5.80 -23.26
CA LYS B 105 9.72 -5.26 -23.49
C LYS B 105 9.93 -4.06 -22.59
N PHE B 106 10.47 -4.33 -21.37
CA PHE B 106 10.77 -3.29 -20.39
C PHE B 106 12.09 -2.64 -20.73
N GLU B 107 12.18 -1.32 -20.52
CA GLU B 107 13.42 -0.59 -20.74
C GLU B 107 14.37 -0.96 -19.57
N MET B 108 15.70 -0.96 -19.83
CA MET B 108 16.73 -1.30 -18.83
C MET B 108 16.50 -0.59 -17.48
N ILE B 109 16.19 0.73 -17.51
CA ILE B 109 15.89 1.55 -16.33
C ILE B 109 14.74 0.93 -15.49
N LYS B 110 13.64 0.46 -16.15
CA LYS B 110 12.54 -0.18 -15.42
C LYS B 110 12.94 -1.52 -14.84
N LEU B 111 13.73 -2.31 -15.60
CA LEU B 111 14.19 -3.63 -15.18
C LEU B 111 14.95 -3.53 -13.88
N ILE B 112 15.92 -2.58 -13.84
CA ILE B 112 16.73 -2.27 -12.66
C ILE B 112 15.82 -1.81 -11.52
N ASP B 113 14.80 -0.95 -11.81
CA ASP B 113 13.83 -0.55 -10.78
C ASP B 113 13.04 -1.76 -10.21
N ILE B 114 12.62 -2.73 -11.07
CA ILE B 114 11.92 -3.93 -10.62
C ILE B 114 12.85 -4.76 -9.69
N ALA B 115 14.16 -4.81 -10.05
CA ALA B 115 15.16 -5.48 -9.25
C ALA B 115 15.26 -4.76 -7.90
N ARG B 116 15.41 -3.41 -7.94
CA ARG B 116 15.53 -2.51 -6.80
C ARG B 116 14.39 -2.72 -5.84
N GLN B 117 13.16 -2.75 -6.36
CA GLN B 117 11.95 -2.90 -5.58
C GLN B 117 11.89 -4.27 -4.93
N THR B 118 12.19 -5.34 -5.70
CA THR B 118 12.23 -6.70 -5.16
C THR B 118 13.24 -6.80 -4.00
N ALA B 119 14.46 -6.24 -4.20
CA ALA B 119 15.54 -6.17 -3.21
C ALA B 119 15.08 -5.43 -1.95
N GLN B 120 14.37 -4.31 -2.13
CA GLN B 120 13.82 -3.47 -1.06
C GLN B 120 12.89 -4.28 -0.15
N GLY B 121 11.97 -5.03 -0.78
CA GLY B 121 10.98 -5.86 -0.11
C GLY B 121 11.62 -7.02 0.61
N MET B 122 12.65 -7.59 -0.04
CA MET B 122 13.43 -8.72 0.49
C MET B 122 14.23 -8.35 1.72
N ASP B 123 14.90 -7.20 1.67
CA ASP B 123 15.65 -6.64 2.78
C ASP B 123 14.75 -6.44 4.00
N TYR B 124 13.50 -5.90 3.78
CA TYR B 124 12.50 -5.68 4.83
C TYR B 124 12.19 -6.97 5.57
N LEU B 125 11.84 -8.03 4.82
CA LEU B 125 11.53 -9.36 5.33
C LEU B 125 12.70 -9.92 6.12
N HIS B 126 13.90 -9.87 5.56
CA HIS B 126 15.08 -10.36 6.23
C HIS B 126 15.40 -9.60 7.53
N ALA B 127 15.17 -8.28 7.53
CA ALA B 127 15.35 -7.44 8.71
C ALA B 127 14.41 -7.91 9.83
N LYS B 128 13.18 -8.35 9.43
CA LYS B 128 12.10 -8.85 10.28
C LYS B 128 12.27 -10.36 10.48
N SER B 129 13.46 -10.89 10.14
CA SER B 129 13.82 -12.32 10.25
C SER B 129 12.76 -13.25 9.61
N ILE B 130 12.38 -12.92 8.37
CA ILE B 130 11.39 -13.65 7.59
C ILE B 130 12.07 -14.19 6.33
N ILE B 131 12.02 -15.51 6.14
CA ILE B 131 12.58 -16.15 4.95
C ILE B 131 11.42 -16.54 4.04
N HIS B 132 11.34 -15.93 2.86
CA HIS B 132 10.27 -16.19 1.88
C HIS B 132 10.15 -17.67 1.48
N ARG B 133 11.31 -18.36 1.28
CA ARG B 133 11.45 -19.77 0.90
C ARG B 133 10.89 -20.12 -0.49
N ASP B 134 10.34 -19.14 -1.25
CA ASP B 134 9.78 -19.37 -2.58
C ASP B 134 9.74 -18.08 -3.46
N LEU B 135 10.81 -17.26 -3.44
CA LEU B 135 10.85 -16.08 -4.28
C LEU B 135 11.01 -16.52 -5.73
N LYS B 136 10.19 -15.98 -6.62
CA LYS B 136 10.20 -16.23 -8.06
C LYS B 136 9.42 -15.14 -8.78
N SER B 137 9.60 -15.02 -10.10
CA SER B 137 8.90 -14.00 -10.89
C SER B 137 7.37 -14.13 -10.79
N ASN B 138 6.83 -15.33 -10.52
CA ASN B 138 5.38 -15.54 -10.39
C ASN B 138 4.85 -14.97 -9.07
N ASN B 139 5.75 -14.70 -8.10
CA ASN B 139 5.44 -14.15 -6.77
C ASN B 139 5.80 -12.68 -6.62
N ILE B 140 6.20 -12.06 -7.73
CA ILE B 140 6.52 -10.63 -7.78
C ILE B 140 5.42 -10.02 -8.61
N PHE B 141 4.55 -9.27 -7.97
CA PHE B 141 3.46 -8.70 -8.73
C PHE B 141 3.73 -7.25 -9.10
N LEU B 142 3.69 -6.94 -10.41
CA LEU B 142 3.88 -5.59 -10.88
C LEU B 142 2.55 -4.82 -10.87
N HIS B 143 2.24 -4.25 -9.67
CA HIS B 143 1.05 -3.50 -9.33
C HIS B 143 0.96 -2.15 -10.01
N GLU B 144 -0.22 -1.92 -10.65
CA GLU B 144 -0.58 -0.73 -11.41
C GLU B 144 0.55 -0.45 -12.40
N ASP B 145 1.17 -1.58 -12.84
CA ASP B 145 2.28 -1.73 -13.78
C ASP B 145 3.58 -1.04 -13.34
N LEU B 146 3.73 -0.70 -12.04
CA LEU B 146 4.97 -0.03 -11.58
C LEU B 146 5.43 -0.36 -10.13
N THR B 147 4.61 -0.98 -9.29
CA THR B 147 5.07 -1.30 -7.93
C THR B 147 5.12 -2.82 -7.67
N VAL B 148 6.33 -3.32 -7.34
CA VAL B 148 6.62 -4.71 -6.99
C VAL B 148 5.89 -5.00 -5.69
N LYS B 149 5.14 -6.11 -5.66
CA LYS B 149 4.41 -6.58 -4.48
C LYS B 149 4.75 -8.06 -4.28
N ILE B 150 5.70 -8.36 -3.35
CA ILE B 150 6.12 -9.74 -3.07
C ILE B 150 5.00 -10.46 -2.35
N GLY B 151 4.56 -11.54 -2.93
CA GLY B 151 3.48 -12.34 -2.37
C GLY B 151 3.72 -13.82 -2.44
N ASP B 152 2.65 -14.57 -2.27
CA ASP B 152 2.64 -16.01 -2.32
C ASP B 152 1.42 -16.48 -3.13
N PHE B 153 1.43 -16.09 -4.43
CA PHE B 153 0.45 -16.29 -5.49
C PHE B 153 0.41 -17.74 -5.97
N GLY B 173 7.06 -28.72 -7.14
CA GLY B 173 7.98 -27.62 -6.83
C GLY B 173 8.39 -26.74 -8.01
N SER B 174 9.06 -25.58 -7.70
CA SER B 174 9.55 -24.54 -8.64
C SER B 174 11.11 -24.41 -8.55
N ILE B 175 11.74 -25.44 -9.11
CA ILE B 175 13.15 -25.77 -9.07
C ILE B 175 14.12 -24.77 -9.76
N LEU B 176 13.61 -23.85 -10.61
CA LEU B 176 14.51 -22.91 -11.30
C LEU B 176 15.15 -21.87 -10.38
N TRP B 177 14.47 -21.52 -9.27
CA TRP B 177 14.94 -20.52 -8.31
C TRP B 177 15.61 -21.15 -7.08
N MET B 178 15.54 -22.50 -6.99
CA MET B 178 16.16 -23.23 -5.88
C MET B 178 17.67 -23.26 -5.93
N ALA B 179 18.29 -22.78 -4.83
CA ALA B 179 19.73 -22.79 -4.54
C ALA B 179 20.21 -24.25 -4.47
N PRO B 180 21.44 -24.56 -4.93
CA PRO B 180 21.89 -25.96 -4.88
C PRO B 180 21.64 -26.65 -3.54
N GLU B 181 21.93 -26.00 -2.39
CA GLU B 181 21.72 -26.63 -1.08
C GLU B 181 20.23 -27.02 -0.79
N VAL B 182 19.27 -26.26 -1.38
CA VAL B 182 17.82 -26.50 -1.29
C VAL B 182 17.51 -27.68 -2.21
N ILE B 183 17.85 -27.55 -3.53
CA ILE B 183 17.68 -28.59 -4.56
C ILE B 183 18.18 -29.98 -4.06
N ARG B 184 19.32 -30.00 -3.37
CA ARG B 184 19.89 -31.22 -2.81
C ARG B 184 19.01 -31.79 -1.72
N MET B 185 18.58 -30.95 -0.77
CA MET B 185 17.85 -31.34 0.46
C MET B 185 18.84 -31.98 1.40
N GLN B 186 19.88 -31.16 1.66
CA GLN B 186 21.06 -31.44 2.47
C GLN B 186 20.62 -31.72 3.89
N ASP B 187 20.23 -30.64 4.55
CA ASP B 187 19.74 -30.56 5.91
C ASP B 187 18.20 -30.68 5.83
N LYS B 188 17.55 -30.76 7.02
CA LYS B 188 16.09 -30.70 7.21
C LYS B 188 15.64 -29.28 6.82
N ASN B 189 16.44 -28.23 7.17
CA ASN B 189 16.16 -26.83 6.82
C ASN B 189 17.32 -26.22 6.00
N PRO B 190 17.27 -26.43 4.65
CA PRO B 190 18.30 -25.85 3.77
C PRO B 190 18.04 -24.36 3.46
N TYR B 191 16.89 -23.85 3.97
CA TYR B 191 16.40 -22.50 3.78
C TYR B 191 17.10 -21.52 4.67
N SER B 192 17.63 -20.47 4.05
CA SER B 192 18.43 -19.42 4.69
C SER B 192 18.11 -18.12 4.03
N PHE B 193 18.70 -17.02 4.54
CA PHE B 193 18.55 -15.71 3.91
C PHE B 193 19.23 -15.81 2.54
N GLN B 194 20.35 -16.57 2.52
CA GLN B 194 21.16 -16.84 1.36
C GLN B 194 20.44 -17.56 0.27
N SER B 195 19.54 -18.51 0.63
CA SER B 195 18.72 -19.29 -0.29
C SER B 195 17.86 -18.30 -1.10
N ASP B 196 17.25 -17.32 -0.40
CA ASP B 196 16.43 -16.26 -0.98
C ASP B 196 17.26 -15.39 -1.91
N VAL B 197 18.53 -15.13 -1.54
CA VAL B 197 19.48 -14.35 -2.36
C VAL B 197 19.71 -15.07 -3.70
N TYR B 198 19.82 -16.42 -3.68
CA TYR B 198 19.94 -17.21 -4.91
C TYR B 198 18.67 -17.08 -5.78
N ALA B 199 17.45 -17.18 -5.17
CA ALA B 199 16.21 -17.04 -5.92
C ALA B 199 16.18 -15.65 -6.56
N PHE B 200 16.64 -14.60 -5.81
CA PHE B 200 16.75 -13.22 -6.29
C PHE B 200 17.73 -13.14 -7.48
N GLY B 201 18.84 -13.88 -7.37
CA GLY B 201 19.84 -14.01 -8.42
C GLY B 201 19.21 -14.49 -9.72
N ILE B 202 18.34 -15.55 -9.63
CA ILE B 202 17.61 -16.12 -10.76
C ILE B 202 16.61 -15.10 -11.28
N VAL B 203 15.92 -14.35 -10.37
CA VAL B 203 14.99 -13.28 -10.76
C VAL B 203 15.75 -12.24 -11.59
N LEU B 204 17.01 -11.91 -11.20
CA LEU B 204 17.86 -10.96 -11.94
C LEU B 204 18.21 -11.53 -13.30
N TYR B 205 18.45 -12.86 -13.39
CA TYR B 205 18.76 -13.50 -14.65
C TYR B 205 17.57 -13.32 -15.61
N GLU B 206 16.32 -13.53 -15.09
CA GLU B 206 15.09 -13.33 -15.84
C GLU B 206 14.96 -11.88 -16.32
N LEU B 207 15.23 -10.91 -15.45
CA LEU B 207 15.10 -9.52 -15.82
C LEU B 207 16.11 -9.12 -16.90
N MET B 208 17.35 -9.62 -16.76
CA MET B 208 18.44 -9.25 -17.64
C MET B 208 18.57 -10.11 -18.92
N THR B 209 17.90 -11.27 -18.99
CA THR B 209 17.95 -12.11 -20.19
C THR B 209 16.56 -12.24 -20.83
N GLY B 210 15.54 -11.83 -20.09
CA GLY B 210 14.13 -11.91 -20.50
C GLY B 210 13.66 -13.34 -20.68
N GLN B 211 14.44 -14.28 -20.10
CA GLN B 211 14.28 -15.73 -20.19
C GLN B 211 14.47 -16.45 -18.87
N LEU B 212 13.97 -17.69 -18.84
CA LEU B 212 14.11 -18.61 -17.71
C LEU B 212 15.44 -19.38 -17.88
N PRO B 213 16.09 -19.80 -16.78
CA PRO B 213 17.33 -20.55 -16.95
C PRO B 213 17.10 -21.97 -17.49
N TYR B 214 18.17 -22.56 -18.08
CA TYR B 214 18.27 -23.94 -18.60
C TYR B 214 17.18 -24.25 -19.68
N SER B 215 17.00 -23.30 -20.60
CA SER B 215 16.05 -23.32 -21.74
C SER B 215 16.31 -24.48 -22.68
N ASN B 216 17.57 -24.88 -22.83
CA ASN B 216 18.01 -25.96 -23.71
C ASN B 216 17.96 -27.36 -23.09
N ILE B 217 17.62 -27.43 -21.79
CA ILE B 217 17.47 -28.72 -21.09
C ILE B 217 15.97 -29.03 -20.94
N ASN B 218 15.52 -30.14 -21.55
CA ASN B 218 14.10 -30.56 -21.54
C ASN B 218 13.72 -31.55 -20.44
N ASN B 219 14.67 -31.85 -19.53
CA ASN B 219 14.49 -32.82 -18.48
C ASN B 219 14.61 -32.19 -17.09
N ARG B 220 13.50 -32.18 -16.34
CA ARG B 220 13.41 -31.62 -15.00
C ARG B 220 14.34 -32.36 -14.03
N ASP B 221 14.32 -33.69 -14.06
CA ASP B 221 15.17 -34.46 -13.14
C ASP B 221 16.64 -34.18 -13.33
N GLN B 222 17.06 -33.97 -14.58
CA GLN B 222 18.43 -33.65 -14.97
C GLN B 222 18.83 -32.29 -14.45
N ILE B 223 17.92 -31.30 -14.59
CA ILE B 223 18.14 -29.94 -14.10
C ILE B 223 18.37 -30.07 -12.60
N ILE B 224 17.49 -30.83 -11.90
CA ILE B 224 17.57 -31.05 -10.46
C ILE B 224 18.92 -31.64 -10.10
N PHE B 225 19.26 -32.77 -10.71
CA PHE B 225 20.52 -33.44 -10.47
C PHE B 225 21.75 -32.54 -10.59
N MET B 226 21.86 -31.85 -11.72
CA MET B 226 23.00 -31.02 -12.08
C MET B 226 23.15 -29.76 -11.30
N VAL B 227 22.07 -29.06 -11.00
CA VAL B 227 22.12 -27.83 -10.21
C VAL B 227 22.62 -28.13 -8.80
N GLY B 228 22.12 -29.21 -8.22
CA GLY B 228 22.51 -29.69 -6.90
C GLY B 228 23.97 -30.08 -6.85
N ARG B 229 24.48 -30.73 -7.90
CA ARG B 229 25.88 -31.13 -7.93
C ARG B 229 26.76 -29.96 -8.36
N GLY B 230 26.13 -28.87 -8.76
CA GLY B 230 26.85 -27.71 -9.28
C GLY B 230 27.57 -27.96 -10.61
N TYR B 231 27.00 -28.83 -11.46
CA TYR B 231 27.55 -29.15 -12.77
C TYR B 231 26.93 -28.17 -13.76
N LEU B 232 25.82 -27.54 -13.35
CA LEU B 232 25.04 -26.63 -14.18
C LEU B 232 24.65 -25.37 -13.40
N SER B 233 24.85 -24.21 -14.03
CA SER B 233 24.56 -22.87 -13.48
C SER B 233 23.99 -22.02 -14.62
N PRO B 234 23.24 -20.91 -14.34
CA PRO B 234 22.68 -20.11 -15.43
C PRO B 234 23.79 -19.51 -16.30
N ASP B 235 23.55 -19.48 -17.62
CA ASP B 235 24.50 -18.97 -18.61
C ASP B 235 24.40 -17.45 -18.64
N LEU B 236 25.29 -16.77 -17.87
CA LEU B 236 25.25 -15.31 -17.75
C LEU B 236 25.59 -14.54 -19.05
N SER B 237 26.11 -15.25 -20.07
CA SER B 237 26.42 -14.65 -21.37
C SER B 237 25.13 -14.24 -22.11
N LYS B 238 23.98 -14.73 -21.66
CA LYS B 238 22.67 -14.47 -22.25
C LYS B 238 22.10 -13.10 -21.88
N VAL B 239 22.78 -12.35 -20.98
CA VAL B 239 22.31 -11.02 -20.55
C VAL B 239 22.25 -10.04 -21.72
N ARG B 240 21.22 -9.15 -21.69
CA ARG B 240 20.97 -8.09 -22.65
C ARG B 240 22.23 -7.21 -22.73
N SER B 241 22.57 -6.74 -23.92
CA SER B 241 23.75 -5.92 -24.20
C SER B 241 23.87 -4.67 -23.29
N ASN B 242 22.72 -3.98 -23.08
CA ASN B 242 22.60 -2.79 -22.24
C ASN B 242 22.61 -3.10 -20.73
N CYS B 243 22.78 -4.37 -20.34
CA CYS B 243 22.85 -4.74 -18.92
C CYS B 243 24.15 -4.18 -18.34
N PRO B 244 24.08 -3.38 -17.24
CA PRO B 244 25.30 -2.83 -16.64
C PRO B 244 26.29 -3.90 -16.17
N LYS B 245 27.61 -3.67 -16.30
CA LYS B 245 28.63 -4.65 -15.87
C LYS B 245 28.47 -4.94 -14.37
N ALA B 246 28.17 -3.89 -13.56
CA ALA B 246 27.91 -3.99 -12.12
C ALA B 246 26.80 -4.99 -11.78
N MET B 247 25.68 -4.92 -12.55
CA MET B 247 24.52 -5.81 -12.43
C MET B 247 24.90 -7.26 -12.71
N LYS B 248 25.67 -7.50 -13.81
CA LYS B 248 26.09 -8.84 -14.19
C LYS B 248 26.98 -9.42 -13.13
N ARG B 249 27.83 -8.57 -12.49
CA ARG B 249 28.72 -8.99 -11.40
C ARG B 249 27.88 -9.38 -10.19
N LEU B 250 26.90 -8.52 -9.82
CA LEU B 250 25.96 -8.73 -8.72
C LEU B 250 25.19 -10.03 -8.89
N MET B 251 24.70 -10.28 -10.11
CA MET B 251 23.98 -11.49 -10.47
C MET B 251 24.84 -12.71 -10.16
N ALA B 252 26.11 -12.66 -10.60
CA ALA B 252 27.08 -13.72 -10.37
C ALA B 252 27.31 -14.04 -8.90
N GLU B 253 27.33 -12.99 -8.04
CA GLU B 253 27.52 -13.14 -6.60
C GLU B 253 26.29 -13.74 -5.92
N CYS B 254 25.10 -13.30 -6.34
CA CYS B 254 23.84 -13.79 -5.81
C CYS B 254 23.63 -15.26 -6.10
N LEU B 255 24.22 -15.74 -7.22
CA LEU B 255 24.09 -17.09 -7.72
C LEU B 255 25.26 -18.04 -7.35
N LYS B 256 26.10 -17.65 -6.36
CA LYS B 256 27.25 -18.46 -5.94
C LYS B 256 26.78 -19.83 -5.45
N LYS B 257 27.40 -20.92 -5.92
CA LYS B 257 27.03 -22.29 -5.52
C LYS B 257 27.18 -22.43 -3.99
N LYS B 258 28.32 -21.95 -3.44
CA LYS B 258 28.59 -21.96 -2.01
C LYS B 258 27.74 -20.81 -1.39
N ARG B 259 26.78 -21.15 -0.49
CA ARG B 259 25.87 -20.14 0.06
C ARG B 259 26.55 -19.06 0.91
N ASP B 260 27.69 -19.35 1.55
CA ASP B 260 28.40 -18.38 2.39
C ASP B 260 28.99 -17.22 1.59
N GLU B 261 29.27 -17.48 0.30
CA GLU B 261 29.80 -16.52 -0.68
C GLU B 261 28.72 -15.56 -1.24
N ARG B 262 27.44 -15.84 -0.99
CA ARG B 262 26.33 -14.99 -1.46
C ARG B 262 26.19 -13.73 -0.57
N PRO B 263 25.95 -12.54 -1.18
CA PRO B 263 25.79 -11.32 -0.36
C PRO B 263 24.39 -11.26 0.27
N LEU B 264 24.18 -10.38 1.27
CA LEU B 264 22.83 -10.26 1.82
C LEU B 264 22.16 -8.98 1.28
N PHE B 265 20.82 -8.87 1.40
CA PHE B 265 20.05 -7.78 0.78
C PHE B 265 20.49 -6.35 1.14
N PRO B 266 20.95 -6.01 2.38
CA PRO B 266 21.46 -4.64 2.60
C PRO B 266 22.57 -4.30 1.62
N GLN B 267 23.49 -5.25 1.38
CA GLN B 267 24.60 -5.11 0.45
C GLN B 267 24.12 -5.19 -1.00
N ILE B 268 23.10 -6.02 -1.28
CA ILE B 268 22.54 -6.17 -2.62
C ILE B 268 21.89 -4.84 -3.03
N LEU B 269 21.00 -4.29 -2.17
CA LEU B 269 20.35 -2.99 -2.39
C LEU B 269 21.37 -1.90 -2.69
N ALA B 270 22.47 -1.83 -1.88
CA ALA B 270 23.55 -0.88 -2.03
C ALA B 270 24.09 -0.86 -3.46
N SER B 271 24.39 -2.05 -3.99
CA SER B 271 24.95 -2.26 -5.34
C SER B 271 23.97 -1.82 -6.42
N ILE B 272 22.66 -2.23 -6.29
CA ILE B 272 21.59 -1.91 -7.26
C ILE B 272 21.36 -0.39 -7.32
N GLU B 273 21.22 0.23 -6.14
CA GLU B 273 21.00 1.66 -6.01
C GLU B 273 22.16 2.45 -6.62
N LEU B 274 23.39 1.91 -6.52
CA LEU B 274 24.57 2.56 -7.04
C LEU B 274 24.62 2.51 -8.55
N LEU B 275 24.42 1.30 -9.16
CA LEU B 275 24.45 1.13 -10.62
C LEU B 275 23.33 1.89 -11.31
N ALA B 276 22.18 2.05 -10.60
CA ALA B 276 20.99 2.79 -11.02
C ALA B 276 21.36 4.24 -11.30
N ARG B 277 22.18 4.85 -10.42
CA ARG B 277 22.64 6.24 -10.53
C ARG B 277 23.53 6.46 -11.77
N SER B 278 24.29 5.42 -12.18
CA SER B 278 25.18 5.48 -13.34
C SER B 278 24.52 4.79 -14.57
N LEU B 279 23.69 5.54 -15.34
CA LEU B 279 23.03 5.01 -16.54
C LEU B 279 22.99 6.01 -17.72
C1 55J C . 0.92 11.47 7.75
C2 55J C . 1.88 11.14 8.70
C3 55J C . 3.24 11.34 8.48
O1 55J C . 3.09 12.91 5.19
C11 55J C . 3.83 13.05 2.96
C12 55J C . 4.49 13.24 0.57
C13 55J C . -0.15 10.60 9.41
C14 55J C . 1.76 10.00 10.98
C15 55J C . -2.33 9.57 10.00
C16 55J C . -3.20 9.33 11.06
C17 55J C . -4.43 8.75 10.83
C18 55J C . -4.84 8.40 9.55
C19 55J C . -3.97 8.65 8.49
C20 55J C . -2.73 9.23 8.71
C21 55J C . 5.09 13.69 -1.51
C22 55J C . 4.89 14.82 -0.78
C23 55J C . -6.13 7.70 9.33
C24 55J C . 5.05 16.22 -1.23
C4 55J C . 3.63 11.88 7.27
C5 55J C . 2.66 12.24 6.32
C6 55J C . 1.31 12.03 6.53
C7 55J C . 3.41 12.24 4.00
C8 55J C . 3.30 10.87 3.83
C9 55J C . 3.64 10.36 2.59
N1 55J C . 4.05 11.11 1.56
C10 55J C . 4.13 12.43 1.74
N2 55J C . -0.35 11.11 8.21
N3 55J C . 1.19 10.58 9.76
N4 55J C . -1.08 10.16 10.29
N5 55J C . 4.85 12.65 -0.66
N6 55J C . 4.53 14.57 0.50
F1 55J C . -6.41 7.43 8.06
F2 55J C . -6.17 6.56 9.97
F3 55J C . -7.16 8.37 9.77
F4 55J C . 6.15 16.77 -0.75
F5 55J C . 5.07 16.35 -2.55
F6 55J C . 4.05 16.99 -0.78
C1 55J D . -1.03 -13.95 -1.50
C2 55J D . -2.08 -14.20 -0.62
C3 55J D . -3.41 -14.20 -1.01
O1 55J D . -2.94 -13.45 -4.58
C11 55J D . -3.63 -12.13 -6.41
C12 55J D . -4.10 -10.72 -8.41
C13 55J D . -0.13 -14.22 0.43
C14 55J D . -2.18 -14.59 1.89
C15 55J D . 2.02 -13.84 1.66
C16 55J D . 2.80 -14.40 2.66
C17 55J D . 4.03 -13.86 2.98
C18 55J D . 4.53 -12.76 2.30
C19 55J D . 3.75 -12.21 1.29
C20 55J D . 2.52 -12.74 0.97
C21 55J D . -4.62 -9.71 -10.29
C22 55J D . -4.38 -11.04 -10.48
C23 55J D . 5.87 -12.20 2.63
C24 55J D . -4.48 -11.79 -11.75
C4 55J D . -3.69 -13.89 -2.33
C5 55J D . -2.65 -13.66 -3.23
C6 55J D . -1.31 -13.68 -2.84
C7 55J D . -3.24 -12.19 -5.08
C8 55J D . -3.10 -11.03 -4.34
C9 55J D . -3.37 -9.83 -4.98
N1 55J D . -3.74 -9.73 -6.26
C10 55J D . -3.84 -10.87 -6.97
N2 55J D . 0.19 -13.95 -0.82
N3 55J D . -1.48 -14.36 0.61
N4 55J D . 0.74 -14.40 1.46
N5 55J D . -4.45 -9.48 -8.97
N6 55J D . -4.05 -11.68 -9.32
F1 55J D . 5.79 -11.16 3.40
F2 55J D . 6.65 -13.00 3.30
F3 55J D . 6.57 -11.87 1.56
F4 55J D . -5.25 -12.86 -11.61
F5 55J D . -4.99 -11.05 -12.75
F6 55J D . -3.30 -12.18 -12.18
#